data_1KES
# 
_entry.id   1KES 
# 
_audit_conform.dict_name       mmcif_pdbx.dic 
_audit_conform.dict_version    5.386 
_audit_conform.dict_location   http://mmcif.pdb.org/dictionaries/ascii/mmcif_pdbx.dic 
# 
loop_
_database_2.database_id 
_database_2.database_code 
_database_2.pdbx_database_accession 
_database_2.pdbx_DOI 
PDB   1KES         pdb_00001kes 10.2210/pdb1kes/pdb 
WWPDB D_1000174420 ?            ?                   
# 
loop_
_pdbx_audit_revision_history.ordinal 
_pdbx_audit_revision_history.data_content_type 
_pdbx_audit_revision_history.major_revision 
_pdbx_audit_revision_history.minor_revision 
_pdbx_audit_revision_history.revision_date 
1 'Structure model' 1 0 1980-03-28 
2 'Structure model' 1 1 2008-03-21 
3 'Structure model' 1 2 2011-07-13 
4 'Structure model' 2 0 2020-07-29 
5 'Structure model' 2 1 2024-02-07 
# 
loop_
_pdbx_audit_revision_details.ordinal 
_pdbx_audit_revision_details.revision_ordinal 
_pdbx_audit_revision_details.data_content_type 
_pdbx_audit_revision_details.provider 
_pdbx_audit_revision_details.type 
_pdbx_audit_revision_details.description 
_pdbx_audit_revision_details.details 
1 1 'Structure model' repository 'Initial release' ?                          ? 
2 4 'Structure model' repository Remediation       'Carbohydrate remediation' ? 
# 
loop_
_pdbx_audit_revision_group.ordinal 
_pdbx_audit_revision_group.revision_ordinal 
_pdbx_audit_revision_group.data_content_type 
_pdbx_audit_revision_group.group 
1  2 'Structure model' 'Version format compliance' 
2  3 'Structure model' 'Version format compliance' 
3  4 'Structure model' 'Atomic model'              
4  4 'Structure model' 'Data collection'           
5  4 'Structure model' 'Database references'       
6  4 'Structure model' 'Derived calculations'      
7  4 'Structure model' Other                       
8  4 'Structure model' 'Structure summary'         
9  5 'Structure model' 'Data collection'           
10 5 'Structure model' 'Database references'       
11 5 'Structure model' 'Structure summary'         
# 
loop_
_pdbx_audit_revision_category.ordinal 
_pdbx_audit_revision_category.revision_ordinal 
_pdbx_audit_revision_category.data_content_type 
_pdbx_audit_revision_category.category 
1  4 'Structure model' atom_site                     
2  4 'Structure model' chem_comp                     
3  4 'Structure model' entity                        
4  4 'Structure model' pdbx_branch_scheme            
5  4 'Structure model' pdbx_chem_comp_identifier     
6  4 'Structure model' pdbx_database_status          
7  4 'Structure model' pdbx_entity_branch            
8  4 'Structure model' pdbx_entity_branch_descriptor 
9  4 'Structure model' pdbx_entity_branch_link       
10 4 'Structure model' pdbx_entity_branch_list       
11 4 'Structure model' pdbx_entity_nonpoly           
12 4 'Structure model' pdbx_nonpoly_scheme           
13 4 'Structure model' pdbx_struct_assembly          
14 4 'Structure model' pdbx_struct_oper_list         
15 4 'Structure model' struct_asym                   
16 4 'Structure model' struct_conn                   
17 4 'Structure model' struct_ref                    
18 4 'Structure model' struct_ref_seq                
19 5 'Structure model' chem_comp                     
20 5 'Structure model' chem_comp_atom                
21 5 'Structure model' chem_comp_bond                
22 5 'Structure model' database_2                    
# 
loop_
_pdbx_audit_revision_item.ordinal 
_pdbx_audit_revision_item.revision_ordinal 
_pdbx_audit_revision_item.data_content_type 
_pdbx_audit_revision_item.item 
1  4 'Structure model' '_atom_site.Cartn_x'                  
2  4 'Structure model' '_atom_site.Cartn_y'                  
3  4 'Structure model' '_atom_site.Cartn_z'                  
4  4 'Structure model' '_atom_site.auth_atom_id'             
5  4 'Structure model' '_atom_site.auth_comp_id'             
6  4 'Structure model' '_atom_site.auth_seq_id'              
7  4 'Structure model' '_atom_site.label_asym_id'            
8  4 'Structure model' '_atom_site.label_atom_id'            
9  4 'Structure model' '_atom_site.label_comp_id'            
10 4 'Structure model' '_atom_site.label_entity_id'          
11 4 'Structure model' '_atom_site.type_symbol'              
12 4 'Structure model' '_chem_comp.mon_nstd_flag'            
13 4 'Structure model' '_chem_comp.name'                     
14 4 'Structure model' '_chem_comp.type'                     
15 4 'Structure model' '_pdbx_database_status.process_site'  
16 4 'Structure model' '_struct_conn.pdbx_dist_value'        
17 4 'Structure model' '_struct_conn.pdbx_leaving_atom_flag' 
18 4 'Structure model' '_struct_conn.pdbx_value_order'       
19 4 'Structure model' '_struct_conn.ptnr1_label_asym_id'    
20 4 'Structure model' '_struct_conn.ptnr1_label_atom_id'    
21 4 'Structure model' '_struct_conn.ptnr2_label_asym_id'    
22 4 'Structure model' '_struct_conn.ptnr2_label_atom_id'    
23 5 'Structure model' '_chem_comp.pdbx_synonyms'            
24 5 'Structure model' '_database_2.pdbx_DOI'                
25 5 'Structure model' '_database_2.pdbx_database_accession' 
# 
_pdbx_database_status.status_code                     REL 
_pdbx_database_status.entry_id                        1KES 
_pdbx_database_status.recvd_initial_deposition_date   1978-05-23 
_pdbx_database_status.deposit_site                    ? 
_pdbx_database_status.process_site                    BNL 
_pdbx_database_status.SG_entry                        . 
_pdbx_database_status.pdb_format_compatible           Y 
_pdbx_database_status.status_code_mr                  ? 
_pdbx_database_status.status_code_sf                  ? 
_pdbx_database_status.status_code_cs                  ? 
_pdbx_database_status.status_code_nmr_data            ? 
_pdbx_database_status.methods_development_category    ? 
# 
_audit_author.name           'Arnott, S.' 
_audit_author.pdbx_ordinal   1 
# 
loop_
_citation.id 
_citation.title 
_citation.journal_abbrev 
_citation.journal_volume 
_citation.page_first 
_citation.page_last 
_citation.year 
_citation.journal_id_ASTM 
_citation.country 
_citation.journal_id_ISSN 
_citation.journal_id_CSD 
_citation.book_publisher 
_citation.pdbx_database_id_PubMed 
_citation.pdbx_database_id_DOI 
primary 'Conformation of keratan sulphate.' J.Mol.Biol.                  88 175 184 1974 JMOBAK UK 0022-2836 0070 ? 4280446 
'10.1016/0022-2836(74)90303-9' 
1       
'Accurate X-Ray Diffraction Analysis of Fibrous Polysaccharides Containing Pyranose Rings. Part 1 the Linked-Atom Approach.' 
'J.Chem.Soc.,Perkin Trans.2' ?  324 ?   1972 JCPKBH UK 0300-9580 0188 ? ?       ?                              
# 
loop_
_citation_author.citation_id 
_citation_author.name 
_citation_author.ordinal 
_citation_author.identifier_ORCID 
primary 'Arnott, S.'   1 ? 
primary 'Gus, J.M.'    2 ? 
primary 'Hukins, D.W.' 3 ? 
primary 'Dea, I.C.'    4 ? 
primary 'Rees, D.A.'   5 ? 
1       'Arnott, S.'   6 ? 
1       'Scott, W.E.'  7 ? 
# 
_entity.id                         1 
_entity.type                       branched 
_entity.src_method                 man 
_entity.pdbx_description           
;2-acetamido-2-deoxy-6-O-sulfo-beta-D-glucopyranose-(1-3)-6-O-sulfo-beta-D-galactopyranose-(1-4)-2-acetamido-2-deoxy-6-O-sulfo-beta-D-glucopyranose-(1-3)-6-O-sulfo-beta-D-galactopyranose
;
_entity.formula_weight             1068.934 
_entity.pdbx_number_of_molecules   1 
_entity.pdbx_ec                    ? 
_entity.pdbx_mutation              ? 
_entity.pdbx_fragment              ? 
_entity.details                    ? 
# 
_pdbx_entity_branch.entity_id   1 
_pdbx_entity_branch.type        oligosaccharide 
# 
loop_
_pdbx_entity_branch_descriptor.ordinal 
_pdbx_entity_branch_descriptor.entity_id 
_pdbx_entity_branch_descriptor.descriptor 
_pdbx_entity_branch_descriptor.type 
_pdbx_entity_branch_descriptor.program 
_pdbx_entity_branch_descriptor.program_version 
1 1 'DGlcpNAc[6S]b1-3DGalp[6S]b1-4DGlcpNAc[6S]b1-3DGalp[6S]b1-ROH'                                                   
'Glycam Condensed Sequence' GMML       1.0   
2 1 'WURCS=2.0/2,4,3/[a2112h-1b_1-5_6*OSO/3=O/3=O][a2122h-1b_1-5_2*NCC/3=O_6*OSO/3=O/3=O]/1-2-1-2/a3-b1_b4-c1_c3-d1' WURCS 
PDB2Glycan 1.1.0 
3 1 '[][b-D-Galp6SO3]{[(3+1)][b-D-GlcpNAc6SO3]{[(4+1)][b-D-Galp6SO3]{[(3+1)][b-D-4-deoxy-GlcpNAc6SO3]{}}}}'          LINUCS 
PDB-CARE   ?     
# 
loop_
_pdbx_entity_branch_link.link_id 
_pdbx_entity_branch_link.entity_id 
_pdbx_entity_branch_link.entity_branch_list_num_1 
_pdbx_entity_branch_link.comp_id_1 
_pdbx_entity_branch_link.atom_id_1 
_pdbx_entity_branch_link.leaving_atom_id_1 
_pdbx_entity_branch_link.entity_branch_list_num_2 
_pdbx_entity_branch_link.comp_id_2 
_pdbx_entity_branch_link.atom_id_2 
_pdbx_entity_branch_link.leaving_atom_id_2 
_pdbx_entity_branch_link.value_order 
_pdbx_entity_branch_link.details 
1 1 2 NGS C1 O1 1 G6S O3 HO3 sing ? 
2 1 3 G6S C1 O1 2 NGS O4 HO4 sing ? 
3 1 4 NGS C1 O1 3 G6S O3 HO3 sing ? 
# 
loop_
_chem_comp.id 
_chem_comp.type 
_chem_comp.mon_nstd_flag 
_chem_comp.name 
_chem_comp.pdbx_synonyms 
_chem_comp.formula 
_chem_comp.formula_weight 
G6S 'D-saccharide, beta linking' n 6-O-sulfo-beta-D-galactopyranose                   
'D-GALACTOSE-6-SULFATE; 6-O-sulfo-beta-D-galactose; 6-O-sulfo-D-galactose; 6-O-sulfo-galactose' 'C6 H12 O9 S'   260.219 
NGS 'D-saccharide, beta linking' n 2-acetamido-2-deoxy-6-O-sulfo-beta-D-glucopyranose 
;2-(acetylamino)-2-deoxy-6-O-sulfo-beta-D-glucopyranose; N-ACETYL-D-GLUCOSAMINE-6-SULFATE; N-acetyl-6-O-sulfo-beta-D-glucosamine; 2-acetamido-2-deoxy-6-O-sulfo-beta-D-glucose; 2-acetamido-2-deoxy-6-O-sulfo-D-glucose; 2-acetamido-2-deoxy-6-O-sulfo-glucose
;
'C8 H15 N O9 S' 301.271 
# 
loop_
_pdbx_chem_comp_identifier.comp_id 
_pdbx_chem_comp_identifier.type 
_pdbx_chem_comp_identifier.program 
_pdbx_chem_comp_identifier.program_version 
_pdbx_chem_comp_identifier.identifier 
G6S 'CONDENSED IUPAC CARBOHYDRATE SYMBOL' GMML     1.0 'DGalp[6S]b'                       
G6S 'COMMON NAME'                         GMML     1.0 6-sulfo-b-D-galactopyranose        
G6S 'IUPAC CARBOHYDRATE SYMBOL'           PDB-CARE 1.0 b-D-Galp6SO3                       
NGS 'CONDENSED IUPAC CARBOHYDRATE SYMBOL' GMML     1.0 'DGlcpNAc[6S]b'                    
NGS 'COMMON NAME'                         GMML     1.0 N-acetyl-6-sulfo-b-D-glucopyranose 
NGS 'IUPAC CARBOHYDRATE SYMBOL'           PDB-CARE 1.0 b-D-GlcpNAc6SO3                    
# 
loop_
_pdbx_branch_scheme.asym_id 
_pdbx_branch_scheme.entity_id 
_pdbx_branch_scheme.mon_id 
_pdbx_branch_scheme.num 
_pdbx_branch_scheme.pdb_asym_id 
_pdbx_branch_scheme.pdb_mon_id 
_pdbx_branch_scheme.pdb_seq_num 
_pdbx_branch_scheme.auth_asym_id 
_pdbx_branch_scheme.auth_mon_id 
_pdbx_branch_scheme.auth_seq_num 
_pdbx_branch_scheme.hetero 
A 1 G6S 1 A G6S 1 ? GLS 1 n 
A 1 NGS 2 A NGS 2 ? NGS 2 n 
A 1 G6S 3 A G6S 3 ? GLS 3 n 
A 1 NGS 4 A NGS 4 ? NGS 4 n 
# 
_pdbx_unobs_or_zero_occ_atoms.id               1 
_pdbx_unobs_or_zero_occ_atoms.PDB_model_num    1 
_pdbx_unobs_or_zero_occ_atoms.polymer_flag     N 
_pdbx_unobs_or_zero_occ_atoms.occupancy_flag   1 
_pdbx_unobs_or_zero_occ_atoms.auth_asym_id     A 
_pdbx_unobs_or_zero_occ_atoms.auth_comp_id     NGS 
_pdbx_unobs_or_zero_occ_atoms.auth_seq_id      4 
_pdbx_unobs_or_zero_occ_atoms.PDB_ins_code     ? 
_pdbx_unobs_or_zero_occ_atoms.auth_atom_id     O4 
_pdbx_unobs_or_zero_occ_atoms.label_alt_id     ? 
_pdbx_unobs_or_zero_occ_atoms.label_asym_id    A 
_pdbx_unobs_or_zero_occ_atoms.label_comp_id    NGS 
_pdbx_unobs_or_zero_occ_atoms.label_seq_id     4 
_pdbx_unobs_or_zero_occ_atoms.label_atom_id    O4 
# 
loop_
_software.name 
_software.classification 
_software.version 
_software.citation_id 
_software.pdbx_ordinal 
LINKED-ATOM refinement 'LEAST-SQUARES MODEL-BUILDING PROCEDURE' ? 1 
LALS        refinement .                                        ? 2 
# 
_cell.entry_id           1KES 
_cell.length_a           1.000 
_cell.length_b           1.000 
_cell.length_c           1.000 
_cell.angle_alpha        90.00 
_cell.angle_beta         90.00 
_cell.angle_gamma        90.00 
_cell.Z_PDB              1 
_cell.pdbx_unique_axis   ? 
# 
_symmetry.entry_id                         1KES 
_symmetry.space_group_name_H-M             'P 1' 
_symmetry.pdbx_full_space_group_name_H-M   ? 
_symmetry.cell_setting                     ? 
_symmetry.Int_Tables_number                1 
# 
_exptl.entry_id          1KES 
_exptl.method            'FIBER DIFFRACTION' 
_exptl.crystals_number   ? 
# 
_refine.entry_id                                 1KES 
_refine.ls_number_reflns_obs                     ? 
_refine.ls_number_reflns_all                     ? 
_refine.pdbx_ls_sigma_I                          ? 
_refine.pdbx_ls_sigma_F                          ? 
_refine.pdbx_data_cutoff_high_absF               ? 
_refine.pdbx_data_cutoff_low_absF                ? 
_refine.pdbx_data_cutoff_high_rms_absF           ? 
_refine.ls_d_res_low                             ? 
_refine.ls_d_res_high                            3.0 
_refine.ls_percent_reflns_obs                    ? 
_refine.ls_R_factor_obs                          ? 
_refine.ls_R_factor_all                          ? 
_refine.ls_R_factor_R_work                       ? 
_refine.ls_R_factor_R_free                       ? 
_refine.ls_R_factor_R_free_error                 ? 
_refine.ls_R_factor_R_free_error_details         ? 
_refine.ls_percent_reflns_R_free                 ? 
_refine.ls_number_reflns_R_free                  ? 
_refine.ls_number_parameters                     ? 
_refine.ls_number_restraints                     ? 
_refine.occupancy_min                            ? 
_refine.occupancy_max                            ? 
_refine.B_iso_mean                               ? 
_refine.aniso_B[1][1]                            ? 
_refine.aniso_B[2][2]                            ? 
_refine.aniso_B[3][3]                            ? 
_refine.aniso_B[1][2]                            ? 
_refine.aniso_B[1][3]                            ? 
_refine.aniso_B[2][3]                            ? 
_refine.solvent_model_details                    ? 
_refine.solvent_model_param_ksol                 ? 
_refine.solvent_model_param_bsol                 ? 
_refine.pdbx_ls_cross_valid_method               ? 
_refine.details                                  ? 
_refine.pdbx_starting_model                      ? 
_refine.pdbx_method_to_determine_struct          ? 
_refine.pdbx_isotropic_thermal_model             ? 
_refine.pdbx_stereochemistry_target_values       ? 
_refine.pdbx_stereochem_target_val_spec_case     ? 
_refine.pdbx_R_Free_selection_details            ? 
_refine.pdbx_overall_ESU_R                       ? 
_refine.pdbx_overall_ESU_R_Free                  ? 
_refine.overall_SU_ML                            ? 
_refine.overall_SU_B                             ? 
_refine.pdbx_refine_id                           'FIBER DIFFRACTION' 
_refine.pdbx_diffrn_id                           1 
_refine.pdbx_TLS_residual_ADP_flag               ? 
_refine.correlation_coeff_Fo_to_Fc               ? 
_refine.correlation_coeff_Fo_to_Fc_free          ? 
_refine.pdbx_solvent_vdw_probe_radii             ? 
_refine.pdbx_solvent_ion_probe_radii             ? 
_refine.pdbx_solvent_shrinkage_radii             ? 
_refine.pdbx_overall_phase_error                 ? 
_refine.overall_SU_R_Cruickshank_DPI             ? 
_refine.pdbx_overall_SU_R_free_Cruickshank_DPI   ? 
_refine.pdbx_overall_SU_R_Blow_DPI               ? 
_refine.pdbx_overall_SU_R_free_Blow_DPI          ? 
# 
_refine_hist.pdbx_refine_id                   'FIBER DIFFRACTION' 
_refine_hist.cycle_id                         LAST 
_refine_hist.pdbx_number_atoms_protein        0 
_refine_hist.pdbx_number_atoms_nucleic_acid   0 
_refine_hist.pdbx_number_atoms_ligand         66 
_refine_hist.number_atoms_solvent             0 
_refine_hist.number_atoms_total               66 
_refine_hist.d_res_high                       3.0 
_refine_hist.d_res_low                        . 
# 
_struct.entry_id                  1KES 
_struct.title                     'CONFORMATION OF KERATAN SULPHATE' 
_struct.pdbx_model_details        ? 
_struct.pdbx_CASP_flag            ? 
_struct.pdbx_model_type_details   ? 
# 
_struct_keywords.entry_id        1KES 
_struct_keywords.pdbx_keywords   'TEXTURE OF CONNECTIVE TISSUE' 
_struct_keywords.text            'TEXTURE OF CONNECTIVE TISSUE' 
# 
_struct_asym.id                            A 
_struct_asym.pdbx_blank_PDB_chainid_flag   N 
_struct_asym.pdbx_modified                 N 
_struct_asym.entity_id                     1 
_struct_asym.details                       ? 
# 
_pdbx_struct_assembly.id                   1 
_pdbx_struct_assembly.details              author_defined_assembly 
_pdbx_struct_assembly.method_details       ? 
_pdbx_struct_assembly.oligomeric_details   ? 
_pdbx_struct_assembly.oligomeric_count     ? 
# 
_pdbx_struct_assembly_gen.assembly_id       1 
_pdbx_struct_assembly_gen.oper_expression   1 
_pdbx_struct_assembly_gen.asym_id_list      A 
# 
_pdbx_struct_oper_list.id                   1 
_pdbx_struct_oper_list.type                 'identity operation' 
_pdbx_struct_oper_list.name                 1_555 
_pdbx_struct_oper_list.symmetry_operation   x,y,z 
_pdbx_struct_oper_list.matrix[1][1]         1.0000000000 
_pdbx_struct_oper_list.matrix[1][2]         0.0000000000 
_pdbx_struct_oper_list.matrix[1][3]         0.0000000000 
_pdbx_struct_oper_list.vector[1]            0.0000000000 
_pdbx_struct_oper_list.matrix[2][1]         0.0000000000 
_pdbx_struct_oper_list.matrix[2][2]         1.0000000000 
_pdbx_struct_oper_list.matrix[2][3]         0.0000000000 
_pdbx_struct_oper_list.vector[2]            0.0000000000 
_pdbx_struct_oper_list.matrix[3][1]         0.0000000000 
_pdbx_struct_oper_list.matrix[3][2]         0.0000000000 
_pdbx_struct_oper_list.matrix[3][3]         1.0000000000 
_pdbx_struct_oper_list.vector[3]            0.0000000000 
# 
_struct_biol.id                    1 
_struct_biol.details               
;THE FOUR-RESIDUE CHAIN SEGMENT GIVEN HERE WAS GENERATED
FROM THE PUBLISHED TWO-RESIDUE SEGMENT BY APPLICATION OF
THE TWO-FOLD SCREW AXIS PARALLEL TO Z AND PASSING THROUGH
X=0,Y=0.
;
_struct_biol.pdbx_parent_biol_id   ? 
# 
loop_
_struct_conn.id 
_struct_conn.conn_type_id 
_struct_conn.pdbx_leaving_atom_flag 
_struct_conn.pdbx_PDB_id 
_struct_conn.ptnr1_label_asym_id 
_struct_conn.ptnr1_label_comp_id 
_struct_conn.ptnr1_label_seq_id 
_struct_conn.ptnr1_label_atom_id 
_struct_conn.pdbx_ptnr1_label_alt_id 
_struct_conn.pdbx_ptnr1_PDB_ins_code 
_struct_conn.pdbx_ptnr1_standard_comp_id 
_struct_conn.ptnr1_symmetry 
_struct_conn.ptnr2_label_asym_id 
_struct_conn.ptnr2_label_comp_id 
_struct_conn.ptnr2_label_seq_id 
_struct_conn.ptnr2_label_atom_id 
_struct_conn.pdbx_ptnr2_label_alt_id 
_struct_conn.pdbx_ptnr2_PDB_ins_code 
_struct_conn.ptnr1_auth_asym_id 
_struct_conn.ptnr1_auth_comp_id 
_struct_conn.ptnr1_auth_seq_id 
_struct_conn.ptnr2_auth_asym_id 
_struct_conn.ptnr2_auth_comp_id 
_struct_conn.ptnr2_auth_seq_id 
_struct_conn.ptnr2_symmetry 
_struct_conn.pdbx_ptnr3_label_atom_id 
_struct_conn.pdbx_ptnr3_label_seq_id 
_struct_conn.pdbx_ptnr3_label_comp_id 
_struct_conn.pdbx_ptnr3_label_asym_id 
_struct_conn.pdbx_ptnr3_label_alt_id 
_struct_conn.pdbx_ptnr3_PDB_ins_code 
_struct_conn.details 
_struct_conn.pdbx_dist_value 
_struct_conn.pdbx_value_order 
_struct_conn.pdbx_role 
covale1 covale both ? A G6S . O3 ? ? ? 1_555 A NGS . C1 ? ? A G6S 1 A NGS 2 1_555 ? ? ? ? ? ? ? 1.389 sing ? 
covale2 covale both ? A NGS . O4 ? ? ? 1_555 A G6S . C1 ? ? A NGS 2 A G6S 3 1_555 ? ? ? ? ? ? ? 1.389 sing ? 
covale3 covale both ? A G6S . O3 ? ? ? 1_555 A NGS . C1 ? ? A G6S 3 A NGS 4 1_555 ? ? ? ? ? ? ? 1.389 sing ? 
# 
_struct_conn_type.id          covale 
_struct_conn_type.criteria    ? 
_struct_conn_type.reference   ? 
# 
loop_
_chem_comp_atom.comp_id 
_chem_comp_atom.atom_id 
_chem_comp_atom.type_symbol 
_chem_comp_atom.pdbx_aromatic_flag 
_chem_comp_atom.pdbx_stereo_config 
_chem_comp_atom.pdbx_ordinal 
G6S C1  C N R 1  
G6S C2  C N R 2  
G6S C3  C N S 3  
G6S C4  C N R 4  
G6S C5  C N R 5  
G6S C6  C N N 6  
G6S O1  O N N 7  
G6S O2  O N N 8  
G6S O4  O N N 9  
G6S O5  O N N 10 
G6S O6  O N N 11 
G6S S   S N N 12 
G6S O7  O N N 13 
G6S O8  O N N 14 
G6S O9  O N N 15 
G6S O3  O N N 16 
G6S H1  H N N 17 
G6S H2  H N N 18 
G6S H3  H N N 19 
G6S H4  H N N 20 
G6S H5  H N N 21 
G6S H61 H N N 22 
G6S H62 H N N 23 
G6S HO2 H N N 24 
G6S HO4 H N N 25 
G6S HO3 H N N 26 
G6S HO1 H N N 27 
G6S HO9 H N N 28 
NGS C1  C N R 29 
NGS C2  C N R 30 
NGS C3  C N R 31 
NGS C4  C N S 32 
NGS C5  C N R 33 
NGS C6  C N N 34 
NGS O1  O N N 35 
NGS O3  O N N 36 
NGS O5  O N N 37 
NGS O6  O N N 38 
NGS N2  N N N 39 
NGS C7  C N N 40 
NGS O7  O N N 41 
NGS C8  C N N 42 
NGS S   S N N 43 
NGS O7A O N N 44 
NGS O8  O N N 45 
NGS O9  O N N 46 
NGS O4  O N N 47 
NGS H1  H N N 48 
NGS H2  H N N 49 
NGS H3  H N N 50 
NGS H4  H N N 51 
NGS H5  H N N 52 
NGS H61 H N N 53 
NGS H62 H N N 54 
NGS HO3 H N N 55 
NGS HN2 H N N 56 
NGS H81 H N N 57 
NGS H82 H N N 58 
NGS H83 H N N 59 
NGS HO4 H N N 60 
NGS HO1 H N N 61 
NGS H15 H N N 62 
# 
loop_
_chem_comp_bond.comp_id 
_chem_comp_bond.atom_id_1 
_chem_comp_bond.atom_id_2 
_chem_comp_bond.value_order 
_chem_comp_bond.pdbx_aromatic_flag 
_chem_comp_bond.pdbx_stereo_config 
_chem_comp_bond.pdbx_ordinal 
G6S C1 C2  sing N N 1  
G6S C1 O1  sing N N 2  
G6S C1 O5  sing N N 3  
G6S C2 C3  sing N N 4  
G6S C2 O2  sing N N 5  
G6S C3 C4  sing N N 6  
G6S C3 O3  sing N N 7  
G6S C4 C5  sing N N 8  
G6S C4 O4  sing N N 9  
G6S C5 C6  sing N N 10 
G6S C5 O5  sing N N 11 
G6S C6 O6  sing N N 12 
G6S O6 S   sing N N 13 
G6S S  O7  doub N N 14 
G6S S  O8  doub N N 15 
G6S S  O9  sing N N 16 
G6S C1 H1  sing N N 17 
G6S C2 H2  sing N N 18 
G6S C3 H3  sing N N 19 
G6S C4 H4  sing N N 20 
G6S C5 H5  sing N N 21 
G6S C6 H61 sing N N 22 
G6S C6 H62 sing N N 23 
G6S O2 HO2 sing N N 24 
G6S O4 HO4 sing N N 25 
G6S O3 HO3 sing N N 26 
G6S O1 HO1 sing N N 27 
G6S O9 HO9 sing N N 28 
NGS C1 C2  sing N N 29 
NGS C1 O1  sing N N 30 
NGS C1 O5  sing N N 31 
NGS C1 H1  sing N N 32 
NGS C2 C3  sing N N 33 
NGS C2 N2  sing N N 34 
NGS C2 H2  sing N N 35 
NGS C3 C4  sing N N 36 
NGS C3 O3  sing N N 37 
NGS C3 H3  sing N N 38 
NGS C4 C5  sing N N 39 
NGS C4 O4  sing N N 40 
NGS C4 H4  sing N N 41 
NGS C5 C6  sing N N 42 
NGS C5 O5  sing N N 43 
NGS C5 H5  sing N N 44 
NGS C6 O6  sing N N 45 
NGS C6 H61 sing N N 46 
NGS C6 H62 sing N N 47 
NGS O3 HO3 sing N N 48 
NGS O6 S   sing N N 49 
NGS N2 C7  sing N N 50 
NGS N2 HN2 sing N N 51 
NGS C7 O7  doub N N 52 
NGS C7 C8  sing N N 53 
NGS C8 H81 sing N N 54 
NGS C8 H82 sing N N 55 
NGS C8 H83 sing N N 56 
NGS S  O7A doub N N 57 
NGS S  O8  sing N N 58 
NGS S  O9  doub N N 59 
NGS O4 HO4 sing N N 60 
NGS O1 HO1 sing N N 61 
NGS O8 H15 sing N N 62 
# 
loop_
_pdbx_entity_branch_list.entity_id 
_pdbx_entity_branch_list.comp_id 
_pdbx_entity_branch_list.num 
_pdbx_entity_branch_list.hetero 
1 G6S 1 n 
1 NGS 2 n 
1 G6S 3 n 
1 NGS 4 n 
# 
_atom_sites.entry_id                    1KES 
_atom_sites.fract_transf_matrix[1][1]   1.000000 
_atom_sites.fract_transf_matrix[1][2]   0.000000 
_atom_sites.fract_transf_matrix[1][3]   0.000000 
_atom_sites.fract_transf_matrix[2][1]   0.000000 
_atom_sites.fract_transf_matrix[2][2]   1.000000 
_atom_sites.fract_transf_matrix[2][3]   0.000000 
_atom_sites.fract_transf_matrix[3][1]   0.000000 
_atom_sites.fract_transf_matrix[3][2]   0.000000 
_atom_sites.fract_transf_matrix[3][3]   1.000000 
_atom_sites.fract_transf_vector[1]      0.00000 
_atom_sites.fract_transf_vector[2]      0.00000 
_atom_sites.fract_transf_vector[3]      0.00000 
# 
loop_
_atom_type.symbol 
C 
N 
O 
S 
# 
loop_
_atom_site.group_PDB 
_atom_site.id 
_atom_site.type_symbol 
_atom_site.label_atom_id 
_atom_site.label_alt_id 
_atom_site.label_comp_id 
_atom_site.label_asym_id 
_atom_site.label_entity_id 
_atom_site.label_seq_id 
_atom_site.pdbx_PDB_ins_code 
_atom_site.Cartn_x 
_atom_site.Cartn_y 
_atom_site.Cartn_z 
_atom_site.occupancy 
_atom_site.B_iso_or_equiv 
_atom_site.pdbx_formal_charge 
_atom_site.auth_seq_id 
_atom_site.auth_comp_id 
_atom_site.auth_asym_id 
_atom_site.auth_atom_id 
_atom_site.pdbx_PDB_model_num 
HETATM 1  C C1  . G6S A 1 . ? -5.216  -2.714 5.635  1.00 0.00 ? 1 G6S A C1  1 
HETATM 2  C C2  . G6S A 1 . ? -4.517  -2.738 4.282  1.00 0.00 ? 1 G6S A C2  1 
HETATM 3  C C3  . G6S A 1 . ? -4.306  -1.323 3.765  1.00 0.00 ? 1 G6S A C3  1 
HETATM 4  C C4  . G6S A 1 . ? -5.625  -0.561 3.762  1.00 0.00 ? 1 G6S A C4  1 
HETATM 5  C C5  . G6S A 1 . ? -6.288  -0.650 5.132  1.00 0.00 ? 1 G6S A C5  1 
HETATM 6  C C6  . G6S A 1 . ? -7.659  -0.009 5.162  1.00 0.00 ? 1 G6S A C6  1 
HETATM 7  O O1  . G6S A 1 . ? -5.503  -4.022 6.003  1.00 0.00 ? 1 G6S A O1  1 
HETATM 8  O O2  . G6S A 1 . ? -3.274  -3.420 4.408  1.00 0.00 ? 1 G6S A O2  1 
HETATM 9  O O4  . G6S A 1 . ? -6.516  -1.112 2.789  1.00 0.00 ? 1 G6S A O4  1 
HETATM 10 O O5  . G6S A 1 . ? -6.461  -2.025 5.510  1.00 0.00 ? 1 G6S A O5  1 
HETATM 11 O O6  . G6S A 1 . ? -8.249  -0.080 6.459  1.00 0.00 ? 1 G6S A O6  1 
HETATM 12 S S   . G6S A 1 . ? -9.704  0.570  6.604  1.00 0.00 ? 1 G6S A S   1 
HETATM 13 O O7  . G6S A 1 . ? -10.625 -0.100 5.706  1.00 0.00 ? 1 G6S A O7  1 
HETATM 14 O O8  . G6S A 1 . ? -9.641  1.979  6.267  1.00 0.00 ? 1 G6S A O8  1 
HETATM 15 O O9  . G6S A 1 . ? -10.168 0.420  7.970  1.00 0.00 ? 1 G6S A O9  1 
HETATM 16 O O3  . G6S A 1 . ? -3.774  -1.370 2.441  1.00 0.00 ? 1 G6S A O3  1 
HETATM 17 C C1  . NGS A 1 . ? -2.477  -0.900 2.276  1.00 0.00 ? 2 NGS A C1  1 
HETATM 18 C C2  . NGS A 1 . ? -1.630  -2.022 1.687  1.00 0.00 ? 2 NGS A C2  1 
HETATM 19 C C3  . NGS A 1 . ? -0.235  -1.516 1.353  1.00 0.00 ? 2 NGS A C3  1 
HETATM 20 C C4  . NGS A 1 . ? -0.319  -0.278 0.470  1.00 0.00 ? 2 NGS A C4  1 
HETATM 21 C C5  . NGS A 1 . ? -1.239  0.758  1.103  1.00 0.00 ? 2 NGS A C5  1 
HETATM 22 C C6  . NGS A 1 . ? -1.454  1.967  0.217  1.00 0.00 ? 2 NGS A C6  1 
HETATM 23 O O3  . NGS A 1 . ? 0.496   -2.541 0.678  1.00 0.00 ? 2 NGS A O3  1 
HETATM 24 O O5  . NGS A 1 . ? -2.534  0.186  1.350  1.00 0.00 ? 2 NGS A O5  1 
HETATM 25 O O6  . NGS A 1 . ? -2.297  2.937  0.839  1.00 0.00 ? 2 NGS A O6  1 
HETATM 26 N N2  . NGS A 1 . ? -1.566  -3.143 2.649  1.00 0.00 ? 2 NGS A N2  1 
HETATM 27 C C7  . NGS A 1 . ? -2.085  -4.368 2.282  1.00 0.00 ? 2 NGS A C7  1 
HETATM 28 O O7  . NGS A 1 . ? -2.600  -4.583 1.196  1.00 0.00 ? 2 NGS A O7  1 
HETATM 29 C C8  . NGS A 1 . ? -1.953  -5.419 3.358  1.00 0.00 ? 2 NGS A C8  1 
HETATM 30 S S   . NGS A 1 . ? -3.184  3.831  -0.147 1.00 0.00 ? 2 NGS A S   1 
HETATM 31 O O7A . NGS A 1 . ? -4.061  2.973  -0.921 1.00 0.00 ? 2 NGS A O7A 1 
HETATM 32 O O8  . NGS A 1 . ? -2.316  4.569  -1.045 1.00 0.00 ? 2 NGS A O8  1 
HETATM 33 O O9  . NGS A 1 . ? -3.981  4.761  0.629  1.00 0.00 ? 2 NGS A O9  1 
HETATM 34 O O4  . NGS A 1 . ? 0.973   0.301  0.303  1.00 0.00 ? 2 NGS A O4  1 
HETATM 35 C C1  . G6S A 1 . ? 1.724   -0.155 -0.772 1.00 0.00 ? 3 G6S A C1  1 
HETATM 36 C C2  . G6S A 1 . ? 2.443   1.035  -1.394 1.00 0.00 ? 3 G6S A C2  1 
HETATM 37 C C3  . G6S A 1 . ? 3.391   0.571  -2.491 1.00 0.00 ? 3 G6S A C3  1 
HETATM 38 C C4  . G6S A 1 . ? 4.329   -0.504 -1.957 1.00 0.00 ? 3 G6S A C4  1 
HETATM 39 C C5  . G6S A 1 . ? 3.528   -1.617 -1.290 1.00 0.00 ? 3 G6S A C5  1 
HETATM 40 C C6  . G6S A 1 . ? 4.409   -2.661 -0.637 1.00 0.00 ? 3 G6S A C6  1 
HETATM 41 O O2  . G6S A 1 . ? 1.482   1.947  -1.911 1.00 0.00 ? 3 G6S A O2  1 
HETATM 42 O O4  . G6S A 1 . ? 5.226   0.052  -0.993 1.00 0.00 ? 3 G6S A O4  1 
HETATM 43 O O5  . G6S A 1 . ? 2.690   -1.074 -0.258 1.00 0.00 ? 3 G6S A O5  1 
HETATM 44 O O6  . G6S A 1 . ? 3.641   -3.705 -0.042 1.00 0.00 ? 3 G6S A O6  1 
HETATM 45 S S   . G6S A 1 . ? 4.474   -4.866 0.678  1.00 0.00 ? 3 G6S A S   1 
HETATM 46 O O7  . G6S A 1 . ? 5.273   -4.296 1.746  1.00 0.00 ? 3 G6S A O7  1 
HETATM 47 O O8  . G6S A 1 . ? 5.346   -5.507 -0.287 1.00 0.00 ? 3 G6S A O8  1 
HETATM 48 O O9  . G6S A 1 . ? 3.561   -5.848 1.230  1.00 0.00 ? 3 G6S A O9  1 
HETATM 49 O O3  . G6S A 1 . ? 4.153   1.681  -2.968 1.00 0.00 ? 3 G6S A O3  1 
HETATM 50 C C1  . NGS A 1 . ? 3.914   2.081  -4.277 1.00 0.00 ? 4 NGS A C1  1 
HETATM 51 C C2  . NGS A 1 . ? 3.480   3.541  -4.262 1.00 0.00 ? 4 NGS A C2  1 
HETATM 52 C C3  . NGS A 1 . ? 3.344   4.070  -5.682 1.00 0.00 ? 4 NGS A C3  1 
HETATM 53 C C4  . NGS A 1 . ? 4.625   3.816  -6.466 1.00 0.00 ? 4 NGS A C4  1 
HETATM 54 C C5  . NGS A 1 . ? 5.019   2.347  -6.367 1.00 0.00 ? 4 NGS A C5  1 
HETATM 55 C C6  . NGS A 1 . ? 6.347   2.053  -7.031 1.00 0.00 ? 4 NGS A C6  1 
HETATM 56 O O3  . NGS A 1 . ? 3.071   5.472  -5.646 1.00 0.00 ? 4 NGS A O3  1 
HETATM 57 O O5  . NGS A 1 . ? 5.147   1.960  -4.989 1.00 0.00 ? 4 NGS A O5  1 
HETATM 58 O O6  . NGS A 1 . ? 6.685   0.668  -6.950 1.00 0.00 ? 4 NGS A O6  1 
HETATM 59 N N2  . NGS A 1 . ? 2.200   3.664  -3.531 1.00 0.00 ? 4 NGS A N2  1 
HETATM 60 C C7  . NGS A 1 . ? 2.158   4.428  -2.383 1.00 0.00 ? 4 NGS A C7  1 
HETATM 61 O O7  . NGS A 1 . ? 3.127   5.016  -1.930 1.00 0.00 ? 4 NGS A O7  1 
HETATM 62 C C8  . NGS A 1 . ? 0.792   4.465  -1.741 1.00 0.00 ? 4 NGS A C8  1 
HETATM 63 S S   . NGS A 1 . ? 8.248   0.329  -6.904 1.00 0.00 ? 4 NGS A S   1 
HETATM 64 O O7A . NGS A 1 . ? 8.846   0.958  -5.742 1.00 0.00 ? 4 NGS A O7A 1 
HETATM 65 O O8  . NGS A 1 . ? 8.888   0.830  -8.106 1.00 0.00 ? 4 NGS A O8  1 
HETATM 66 O O9  . NGS A 1 . ? 8.429   -1.107 -6.822 1.00 0.00 ? 4 NGS A O9  1 
# 
